data_1E4P
#
_entry.id   1E4P
#
_cell.length_a   1.000
_cell.length_b   1.000
_cell.length_c   1.000
_cell.angle_alpha   90.00
_cell.angle_beta   90.00
_cell.angle_gamma   90.00
#
_symmetry.space_group_name_H-M   'P 1'
#
_entity_poly.entity_id   1
_entity_poly.type   'polyribonucleotide'
_entity_poly.pdbx_seq_one_letter_code
;GUGCGAAGACGAAAGUCCGAGCGC
;
_entity_poly.pdbx_strand_id   A
#